data_9CHY
#
_entry.id   9CHY
#
_cell.length_a   61.950
_cell.length_b   71.700
_cell.length_c   75.920
_cell.angle_alpha   90.000
_cell.angle_beta   90.000
_cell.angle_gamma   90.000
#
_symmetry.space_group_name_H-M   'P 21 21 21'
#
loop_
_entity.id
_entity.type
_entity.pdbx_description
1 polymer "Guanosine-3',5'-bis(diphosphate) 3'-pyrophosphohydrolase MESH1"
2 non-polymer 'ZINC ION'
3 non-polymer "3'-PHOSPHATE-ADENOSINE-5'-PHOSPHATE SULFATE"
4 non-polymer 1,2-ETHANEDIOL
5 non-polymer 'ACETIC ACID'
6 water water
#
_entity_poly.entity_id   1
_entity_poly.type   'polypeptide(L)'
_entity_poly.pdbx_seq_one_letter_code
;HMGSEAAQLLEAADFAARKHRQQRRKDPEGTPYINHPIGVARILTHEAGITDIVVLQAALLHDTVEKTDTTLDEVELHFG
AQVRRLVEEVTDDKTLPKLERKRLQVEQAPHSSPGAKLVKLADKLYNLRDLNRCTPEGWSEHRVQEYFEWAAQVVKGLQG
TNRQLEEALKHLFKQRGLTI
;
_entity_poly.pdbx_strand_id   A,B
#
loop_
_chem_comp.id
_chem_comp.type
_chem_comp.name
_chem_comp.formula
ACY non-polymer 'ACETIC ACID' 'C2 H4 O2'
EDO non-polymer 1,2-ETHANEDIOL 'C2 H6 O2'
PPS non-polymer '3'-PHOSPHATE-ADENOSINE-5'-PHOSPHATE SULFATE' 'C10 H15 N5 O13 P2 S'
ZN non-polymer 'ZINC ION' 'Zn 2'
#
# COMPACT_ATOMS: atom_id res chain seq x y z
N HIS A 1 -17.04 -17.93 1.95
CA HIS A 1 -17.28 -17.35 3.28
C HIS A 1 -17.51 -15.85 3.18
N MET A 2 -17.93 -15.26 4.30
CA MET A 2 -18.29 -13.85 4.33
C MET A 2 -17.07 -12.98 4.08
N GLY A 3 -17.15 -12.11 3.08
CA GLY A 3 -16.09 -11.17 2.78
C GLY A 3 -16.48 -9.74 3.11
N SER A 4 -15.54 -8.84 2.83
CA SER A 4 -15.79 -7.41 2.95
C SER A 4 -14.97 -6.69 1.91
N GLU A 5 -15.45 -5.51 1.50
CA GLU A 5 -14.68 -4.70 0.56
C GLU A 5 -13.36 -4.28 1.18
N ALA A 6 -13.35 -4.01 2.49
CA ALA A 6 -12.11 -3.66 3.17
C ALA A 6 -11.07 -4.76 3.03
N ALA A 7 -11.47 -6.02 3.29
CA ALA A 7 -10.54 -7.13 3.15
C ALA A 7 -10.10 -7.29 1.69
N GLN A 8 -11.04 -7.17 0.75
CA GLN A 8 -10.70 -7.32 -0.66
C GLN A 8 -9.70 -6.24 -1.09
N LEU A 9 -9.86 -5.02 -0.58
CA LEU A 9 -8.95 -3.95 -0.95
C LEU A 9 -7.55 -4.22 -0.40
N LEU A 10 -7.46 -4.64 0.86
CA LEU A 10 -6.15 -4.94 1.44
C LEU A 10 -5.49 -6.14 0.79
N GLU A 11 -6.28 -7.11 0.31
CA GLU A 11 -5.70 -8.21 -0.45
C GLU A 11 -4.94 -7.68 -1.66
N ALA A 12 -5.55 -6.76 -2.40
CA ALA A 12 -4.93 -6.24 -3.61
C ALA A 12 -3.73 -5.36 -3.28
N ALA A 13 -3.83 -4.56 -2.23
CA ALA A 13 -2.72 -3.70 -1.84
C ALA A 13 -1.51 -4.53 -1.41
N ASP A 14 -1.74 -5.56 -0.61
CA ASP A 14 -0.63 -6.41 -0.16
C ASP A 14 -0.03 -7.20 -1.31
N PHE A 15 -0.88 -7.72 -2.20
CA PHE A 15 -0.42 -8.40 -3.40
C PHE A 15 0.49 -7.49 -4.23
N ALA A 16 0.02 -6.28 -4.52
CA ALA A 16 0.83 -5.33 -5.29
C ALA A 16 2.11 -4.96 -4.55
N ALA A 17 2.02 -4.74 -3.24
CA ALA A 17 3.20 -4.36 -2.47
C ALA A 17 4.29 -5.41 -2.56
N ARG A 18 3.93 -6.69 -2.43
CA ARG A 18 4.93 -7.75 -2.56
C ARG A 18 5.43 -7.88 -4.00
N LYS A 19 4.54 -7.71 -4.98
CA LYS A 19 4.98 -7.88 -6.38
C LYS A 19 5.96 -6.78 -6.79
N HIS A 20 5.75 -5.56 -6.31
CA HIS A 20 6.59 -4.42 -6.66
C HIS A 20 7.74 -4.20 -5.68
N ARG A 21 8.02 -5.16 -4.80
CA ARG A 21 8.86 -4.87 -3.64
C ARG A 21 10.27 -4.45 -4.02
N GLN A 22 10.80 -4.97 -5.12
CA GLN A 22 12.17 -4.63 -5.51
C GLN A 22 12.24 -3.48 -6.49
N GLN A 23 11.10 -2.89 -6.85
CA GLN A 23 11.05 -1.87 -7.90
C GLN A 23 10.94 -0.48 -7.29
N ARG A 24 11.44 0.51 -8.03
CA ARG A 24 11.47 1.89 -7.56
C ARG A 24 10.99 2.82 -8.68
N ARG A 25 10.45 3.97 -8.27
CA ARG A 25 10.15 5.03 -9.22
C ARG A 25 11.43 5.64 -9.76
N LYS A 26 11.30 6.46 -10.80
CA LYS A 26 12.45 7.07 -11.45
C LYS A 26 12.79 8.45 -10.93
N ASP A 27 12.15 8.91 -9.84
CA ASP A 27 12.58 10.15 -9.24
C ASP A 27 13.97 9.98 -8.64
N PRO A 28 14.72 11.09 -8.48
CA PRO A 28 16.09 10.97 -7.94
C PRO A 28 16.16 10.22 -6.62
N GLU A 29 15.16 10.37 -5.76
CA GLU A 29 15.13 9.70 -4.47
C GLU A 29 14.76 8.22 -4.56
N GLY A 30 14.29 7.75 -5.71
CA GLY A 30 13.97 6.35 -5.88
C GLY A 30 12.84 5.87 -4.98
N THR A 31 11.69 6.54 -5.08
CA THR A 31 10.55 6.20 -4.25
C THR A 31 10.10 4.77 -4.53
N PRO A 32 9.74 4.00 -3.49
CA PRO A 32 9.21 2.65 -3.72
C PRO A 32 8.07 2.67 -4.73
N TYR A 33 8.14 1.77 -5.71
CA TYR A 33 7.18 1.81 -6.81
C TYR A 33 5.75 1.68 -6.31
N ILE A 34 5.54 0.94 -5.21
CA ILE A 34 4.20 0.67 -4.71
C ILE A 34 3.43 1.95 -4.40
N ASN A 35 4.15 3.03 -4.07
CA ASN A 35 3.49 4.31 -3.85
C ASN A 35 2.66 4.73 -5.06
N HIS A 36 3.05 4.31 -6.26
CA HIS A 36 2.33 4.72 -7.46
C HIS A 36 0.98 4.02 -7.57
N PRO A 37 0.89 2.68 -7.55
CA PRO A 37 -0.46 2.06 -7.61
C PRO A 37 -1.35 2.44 -6.44
N ILE A 38 -0.78 2.63 -5.25
CA ILE A 38 -1.56 3.13 -4.12
C ILE A 38 -2.12 4.51 -4.44
N GLY A 39 -1.27 5.39 -4.97
CA GLY A 39 -1.72 6.74 -5.30
C GLY A 39 -2.72 6.77 -6.44
N VAL A 40 -2.61 5.82 -7.38
CA VAL A 40 -3.57 5.75 -8.48
C VAL A 40 -4.94 5.34 -7.95
N ALA A 41 -4.99 4.29 -7.12
CA ALA A 41 -6.25 3.90 -6.52
C ALA A 41 -6.82 5.01 -5.64
N ARG A 42 -5.96 5.72 -4.92
CA ARG A 42 -6.44 6.79 -4.05
C ARG A 42 -6.99 7.96 -4.86
N ILE A 43 -6.41 8.25 -6.03
CA ILE A 43 -7.02 9.24 -6.91
C ILE A 43 -8.46 8.88 -7.21
N LEU A 44 -8.71 7.58 -7.43
CA LEU A 44 -10.04 7.13 -7.81
C LEU A 44 -11.05 7.34 -6.68
N THR A 45 -10.65 7.05 -5.44
CA THR A 45 -11.58 7.22 -4.33
C THR A 45 -11.65 8.67 -3.87
N HIS A 46 -10.50 9.35 -3.78
CA HIS A 46 -10.43 10.65 -3.13
C HIS A 46 -10.85 11.79 -4.05
N GLU A 47 -10.62 11.65 -5.36
CA GLU A 47 -10.94 12.69 -6.33
C GLU A 47 -12.04 12.31 -7.30
N ALA A 48 -12.06 11.06 -7.77
CA ALA A 48 -13.01 10.65 -8.79
C ALA A 48 -14.32 10.14 -8.22
N GLY A 49 -14.38 9.86 -6.93
CA GLY A 49 -15.61 9.36 -6.32
C GLY A 49 -15.93 7.93 -6.63
N ILE A 50 -14.94 7.11 -6.99
CA ILE A 50 -15.15 5.72 -7.37
C ILE A 50 -15.04 4.85 -6.13
N THR A 51 -15.99 3.92 -5.95
CA THR A 51 -15.92 2.93 -4.89
C THR A 51 -15.93 1.49 -5.40
N ASP A 52 -16.13 1.28 -6.70
CA ASP A 52 -16.23 -0.05 -7.28
C ASP A 52 -15.00 -0.87 -6.92
N ILE A 53 -15.20 -1.93 -6.12
CA ILE A 53 -14.07 -2.67 -5.58
C ILE A 53 -13.25 -3.32 -6.69
N VAL A 54 -13.91 -3.77 -7.76
CA VAL A 54 -13.18 -4.36 -8.88
C VAL A 54 -12.27 -3.33 -9.54
N VAL A 55 -12.78 -2.12 -9.74
CA VAL A 55 -11.96 -1.06 -10.31
C VAL A 55 -10.81 -0.69 -9.38
N LEU A 56 -11.08 -0.61 -8.07
CA LEU A 56 -10.04 -0.21 -7.13
C LEU A 56 -8.95 -1.28 -7.01
N GLN A 57 -9.34 -2.56 -7.00
CA GLN A 57 -8.34 -3.62 -7.00
C GLN A 57 -7.49 -3.58 -8.26
N ALA A 58 -8.12 -3.39 -9.41
CA ALA A 58 -7.37 -3.34 -10.66
C ALA A 58 -6.42 -2.15 -10.67
N ALA A 59 -6.84 -1.02 -10.08
CA ALA A 59 -5.96 0.14 -9.97
C ALA A 59 -4.73 -0.17 -9.15
N LEU A 60 -4.91 -0.88 -8.02
CA LEU A 60 -3.76 -1.29 -7.23
C LEU A 60 -2.89 -2.29 -7.97
N LEU A 61 -3.49 -3.08 -8.86
CA LEU A 61 -2.80 -4.17 -9.55
C LEU A 61 -2.40 -3.81 -10.98
N HIS A 62 -2.61 -2.56 -11.41
CA HIS A 62 -2.60 -2.25 -12.83
C HIS A 62 -1.23 -2.41 -13.48
N ASP A 63 -0.15 -2.37 -12.71
CA ASP A 63 1.19 -2.52 -13.26
C ASP A 63 1.81 -3.88 -12.93
N THR A 64 1.07 -4.79 -12.29
CA THR A 64 1.68 -6.04 -11.82
C THR A 64 2.02 -6.97 -12.99
N VAL A 65 1.05 -7.23 -13.87
CA VAL A 65 1.32 -8.09 -15.03
C VAL A 65 2.30 -7.41 -15.97
N GLU A 66 2.17 -6.09 -16.13
CA GLU A 66 3.03 -5.33 -17.01
C GLU A 66 4.50 -5.42 -16.58
N LYS A 67 4.76 -5.28 -15.27
CA LYS A 67 6.10 -4.96 -14.81
C LYS A 67 6.68 -5.95 -13.80
N THR A 68 5.91 -6.92 -13.31
CA THR A 68 6.42 -7.82 -12.28
C THR A 68 6.21 -9.27 -12.70
N ASP A 69 6.56 -10.16 -11.76
CA ASP A 69 6.43 -11.61 -11.93
C ASP A 69 5.01 -12.02 -11.56
N THR A 70 4.06 -11.62 -12.41
CA THR A 70 2.64 -11.84 -12.18
C THR A 70 2.00 -12.34 -13.46
N THR A 71 1.23 -13.42 -13.37
CA THR A 71 0.50 -13.97 -14.50
C THR A 71 -0.98 -13.58 -14.42
N LEU A 72 -1.66 -13.68 -15.56
CA LEU A 72 -3.09 -13.39 -15.58
C LEU A 72 -3.88 -14.35 -14.72
N ASP A 73 -3.55 -15.65 -14.77
CA ASP A 73 -4.25 -16.62 -13.93
C ASP A 73 -4.02 -16.36 -12.45
N GLU A 74 -2.84 -15.86 -12.09
CA GLU A 74 -2.58 -15.50 -10.71
C GLU A 74 -3.52 -14.40 -10.23
N VAL A 75 -3.74 -13.39 -11.06
CA VAL A 75 -4.68 -12.33 -10.73
C VAL A 75 -6.08 -12.89 -10.58
N GLU A 76 -6.51 -13.71 -11.55
CA GLU A 76 -7.86 -14.26 -11.51
C GLU A 76 -8.06 -15.18 -10.31
N LEU A 77 -7.03 -15.95 -9.95
CA LEU A 77 -7.15 -16.86 -8.82
C LEU A 77 -7.36 -16.09 -7.51
N HIS A 78 -6.65 -14.97 -7.34
CA HIS A 78 -6.78 -14.21 -6.10
C HIS A 78 -7.96 -13.23 -6.12
N PHE A 79 -8.30 -12.68 -7.29
CA PHE A 79 -9.21 -11.56 -7.34
C PHE A 79 -10.39 -11.74 -8.29
N GLY A 80 -10.50 -12.88 -8.97
CA GLY A 80 -11.64 -13.14 -9.83
C GLY A 80 -11.44 -12.69 -11.26
N ALA A 81 -12.33 -13.16 -12.12
CA ALA A 81 -12.20 -12.93 -13.56
C ALA A 81 -12.42 -11.47 -13.92
N GLN A 82 -13.30 -10.77 -13.21
CA GLN A 82 -13.58 -9.38 -13.56
C GLN A 82 -12.36 -8.50 -13.31
N VAL A 83 -11.64 -8.73 -12.20
CA VAL A 83 -10.42 -7.98 -11.95
C VAL A 83 -9.34 -8.37 -12.96
N ARG A 84 -9.20 -9.67 -13.26
CA ARG A 84 -8.23 -10.09 -14.24
C ARG A 84 -8.48 -9.45 -15.59
N ARG A 85 -9.75 -9.46 -16.04
CA ARG A 85 -10.09 -8.84 -17.31
C ARG A 85 -9.73 -7.37 -17.34
N LEU A 86 -9.95 -6.66 -16.24
CA LEU A 86 -9.64 -5.24 -16.20
C LEU A 86 -8.13 -5.01 -16.22
N VAL A 87 -7.39 -5.83 -15.47
CA VAL A 87 -5.92 -5.74 -15.50
C VAL A 87 -5.40 -6.05 -16.89
N GLU A 88 -5.99 -7.05 -17.55
CA GLU A 88 -5.60 -7.38 -18.92
C GLU A 88 -5.75 -6.16 -19.84
N GLU A 89 -6.83 -5.41 -19.68
CA GLU A 89 -7.09 -4.27 -20.57
C GLU A 89 -6.01 -3.21 -20.45
N VAL A 90 -5.49 -2.99 -19.24
CA VAL A 90 -4.58 -1.89 -19.00
C VAL A 90 -3.12 -2.35 -19.02
N THR A 91 -2.85 -3.59 -19.44
CA THR A 91 -1.51 -4.13 -19.46
C THR A 91 -0.87 -3.91 -20.83
N ASP A 92 0.23 -3.15 -20.84
CA ASP A 92 1.00 -2.95 -22.06
C ASP A 92 1.88 -4.16 -22.35
N ASP A 93 2.17 -4.36 -23.64
CA ASP A 93 3.16 -5.35 -24.08
C ASP A 93 4.55 -4.75 -23.90
N LYS A 94 5.27 -5.20 -22.88
CA LYS A 94 6.61 -4.70 -22.63
C LYS A 94 7.64 -5.22 -23.64
N THR A 95 7.28 -6.17 -24.51
CA THR A 95 8.20 -6.64 -25.53
C THR A 95 8.22 -5.76 -26.77
N LEU A 96 7.25 -4.86 -26.94
CA LEU A 96 7.34 -3.91 -28.04
C LEU A 96 8.35 -2.82 -27.72
N PRO A 97 8.96 -2.22 -28.74
CA PRO A 97 9.72 -0.99 -28.51
C PRO A 97 8.80 0.10 -27.97
N LYS A 98 9.42 1.10 -27.34
CA LYS A 98 8.66 2.07 -26.57
C LYS A 98 7.65 2.82 -27.44
N LEU A 99 8.03 3.16 -28.68
CA LEU A 99 7.16 3.94 -29.54
C LEU A 99 5.87 3.18 -29.87
N GLU A 100 5.98 1.88 -30.12
CA GLU A 100 4.80 1.09 -30.47
C GLU A 100 3.88 0.92 -29.26
N ARG A 101 4.47 0.72 -28.07
CA ARG A 101 3.68 0.71 -26.85
C ARG A 101 2.80 1.94 -26.76
N LYS A 102 3.40 3.11 -26.98
CA LYS A 102 2.68 4.37 -26.79
C LYS A 102 1.59 4.55 -27.85
N ARG A 103 1.87 4.14 -29.09
CA ARG A 103 0.87 4.25 -30.15
C ARG A 103 -0.34 3.37 -29.83
N LEU A 104 -0.11 2.19 -29.28
CA LEU A 104 -1.22 1.29 -28.97
C LEU A 104 -2.13 1.89 -27.91
N GLN A 105 -1.56 2.55 -26.91
CA GLN A 105 -2.37 3.20 -25.88
C GLN A 105 -3.32 4.22 -26.50
N VAL A 106 -2.83 5.00 -27.47
CA VAL A 106 -3.70 5.96 -28.15
C VAL A 106 -4.82 5.24 -28.88
N GLU A 107 -4.47 4.19 -29.63
CA GLU A 107 -5.47 3.49 -30.44
C GLU A 107 -6.46 2.73 -29.56
N GLN A 108 -5.97 2.10 -28.49
CA GLN A 108 -6.83 1.28 -27.65
C GLN A 108 -7.74 2.09 -26.75
N ALA A 109 -7.44 3.37 -26.54
CA ALA A 109 -8.17 4.15 -25.55
C ALA A 109 -9.67 4.22 -25.80
N PRO A 110 -10.16 4.62 -26.98
CA PRO A 110 -11.62 4.81 -27.12
C PRO A 110 -12.43 3.53 -26.92
N HIS A 111 -11.86 2.36 -27.24
CA HIS A 111 -12.58 1.10 -27.11
C HIS A 111 -12.33 0.42 -25.77
N SER A 112 -11.85 1.17 -24.77
CA SER A 112 -11.67 0.62 -23.44
C SER A 112 -13.00 0.56 -22.71
N SER A 113 -13.10 -0.42 -21.80
CA SER A 113 -14.27 -0.50 -20.94
C SER A 113 -14.28 0.70 -20.00
N PRO A 114 -15.46 1.08 -19.49
CA PRO A 114 -15.50 2.21 -18.55
C PRO A 114 -14.57 2.03 -17.36
N GLY A 115 -14.53 0.82 -16.78
CA GLY A 115 -13.60 0.58 -15.69
C GLY A 115 -12.16 0.77 -16.10
N ALA A 116 -11.80 0.26 -17.28
CA ALA A 116 -10.43 0.43 -17.76
C ALA A 116 -10.12 1.90 -18.03
N LYS A 117 -11.11 2.67 -18.51
CA LYS A 117 -10.89 4.08 -18.74
C LYS A 117 -10.60 4.82 -17.44
N LEU A 118 -11.30 4.45 -16.36
CA LEU A 118 -11.04 5.07 -15.06
C LEU A 118 -9.62 4.80 -14.60
N VAL A 119 -9.18 3.54 -14.70
CA VAL A 119 -7.82 3.20 -14.29
C VAL A 119 -6.79 3.93 -15.15
N LYS A 120 -7.01 3.94 -16.47
CA LYS A 120 -6.07 4.60 -17.37
C LYS A 120 -6.02 6.11 -17.10
N LEU A 121 -7.16 6.72 -16.77
CA LEU A 121 -7.18 8.16 -16.47
C LEU A 121 -6.40 8.46 -15.19
N ALA A 122 -6.69 7.72 -14.11
CA ALA A 122 -5.99 7.97 -12.85
C ALA A 122 -4.51 7.64 -12.94
N ASP A 123 -4.15 6.65 -13.76
CA ASP A 123 -2.75 6.32 -14.00
C ASP A 123 -2.03 7.51 -14.63
N LYS A 124 -2.60 8.07 -15.70
CA LYS A 124 -2.01 9.24 -16.35
C LYS A 124 -1.93 10.43 -15.38
N LEU A 125 -3.01 10.68 -14.65
CA LEU A 125 -3.05 11.84 -13.76
C LEU A 125 -1.92 11.75 -12.72
N TYR A 126 -1.73 10.57 -12.13
CA TYR A 126 -0.66 10.42 -11.13
C TYR A 126 0.70 10.70 -11.75
N ASN A 127 0.98 10.10 -12.91
CA ASN A 127 2.29 10.23 -13.51
C ASN A 127 2.55 11.66 -13.99
N LEU A 128 1.54 12.32 -14.55
CA LEU A 128 1.72 13.70 -14.96
C LEU A 128 2.00 14.60 -13.75
N ARG A 129 1.29 14.36 -12.65
CA ARG A 129 1.56 15.11 -11.43
C ARG A 129 2.97 14.83 -10.91
N ASP A 130 3.41 13.57 -11.02
CA ASP A 130 4.77 13.22 -10.57
C ASP A 130 5.81 13.95 -11.40
N LEU A 131 5.62 13.99 -12.72
CA LEU A 131 6.53 14.73 -13.60
C LEU A 131 6.56 16.21 -13.23
N ASN A 132 5.39 16.82 -13.00
CA ASN A 132 5.34 18.23 -12.65
C ASN A 132 6.02 18.48 -11.30
N ARG A 133 5.91 17.52 -10.38
CA ARG A 133 6.51 17.69 -9.07
C ARG A 133 8.04 17.61 -9.14
N CYS A 134 8.55 16.70 -9.95
CA CYS A 134 9.98 16.39 -9.92
C CYS A 134 10.36 15.75 -11.25
N THR A 135 11.26 16.38 -11.99
CA THR A 135 11.75 15.78 -13.23
C THR A 135 12.46 14.47 -12.91
N PRO A 136 12.03 13.34 -13.47
CA PRO A 136 12.65 12.06 -13.12
C PRO A 136 14.11 12.01 -13.54
N GLU A 137 14.89 11.23 -12.81
CA GLU A 137 16.26 10.96 -13.21
C GLU A 137 16.25 10.25 -14.56
N GLY A 138 17.07 10.75 -15.49
CA GLY A 138 17.11 10.20 -16.83
C GLY A 138 16.07 10.72 -17.79
N TRP A 139 15.22 11.63 -17.36
CA TRP A 139 14.19 12.23 -18.22
C TRP A 139 14.60 13.66 -18.52
N SER A 140 14.93 13.94 -19.78
CA SER A 140 15.15 15.32 -20.17
C SER A 140 13.85 16.11 -20.04
N GLU A 141 13.97 17.44 -20.01
CA GLU A 141 12.77 18.27 -20.05
C GLU A 141 11.99 18.02 -21.32
N HIS A 142 12.70 17.81 -22.44
CA HIS A 142 12.05 17.44 -23.69
C HIS A 142 11.22 16.18 -23.53
N ARG A 143 11.79 15.15 -22.87
CA ARG A 143 11.06 13.91 -22.69
C ARG A 143 9.81 14.12 -21.84
N VAL A 144 9.89 14.99 -20.83
CA VAL A 144 8.72 15.27 -20.00
C VAL A 144 7.61 15.88 -20.85
N GLN A 145 7.96 16.89 -21.65
CA GLN A 145 6.94 17.57 -22.45
C GLN A 145 6.36 16.62 -23.50
N GLU A 146 7.21 15.78 -24.10
CA GLU A 146 6.72 14.77 -25.04
C GLU A 146 5.75 13.81 -24.37
N TYR A 147 5.99 13.48 -23.10
CA TYR A 147 5.08 12.59 -22.38
C TYR A 147 3.71 13.23 -22.20
N PHE A 148 3.68 14.53 -21.85
CA PHE A 148 2.41 15.24 -21.78
C PHE A 148 1.70 15.26 -23.12
N GLU A 149 2.44 15.52 -24.21
CA GLU A 149 1.83 15.54 -25.54
C GLU A 149 1.19 14.19 -25.85
N TRP A 150 1.91 13.11 -25.58
CA TRP A 150 1.37 11.78 -25.83
C TRP A 150 0.20 11.48 -24.91
N ALA A 151 0.33 11.83 -23.62
CA ALA A 151 -0.75 11.57 -22.66
C ALA A 151 -2.03 12.28 -23.08
N ALA A 152 -1.92 13.49 -23.64
CA ALA A 152 -3.11 14.19 -24.13
C ALA A 152 -3.76 13.41 -25.27
N GLN A 153 -2.94 12.77 -26.12
N GLN A 153 -2.94 12.78 -26.11
CA GLN A 153 -3.49 11.96 -27.20
CA GLN A 153 -3.48 11.95 -27.20
C GLN A 153 -4.22 10.75 -26.64
C GLN A 153 -4.22 10.75 -26.64
N VAL A 154 -3.71 10.16 -25.56
CA VAL A 154 -4.38 9.01 -24.93
C VAL A 154 -5.65 9.47 -24.23
N VAL A 155 -5.54 10.51 -23.41
CA VAL A 155 -6.70 10.98 -22.63
C VAL A 155 -7.82 11.42 -23.56
N LYS A 156 -7.46 11.91 -24.75
N LYS A 156 -7.47 11.90 -24.76
CA LYS A 156 -8.46 12.28 -25.76
CA LYS A 156 -8.48 12.28 -25.74
C LYS A 156 -9.44 11.14 -26.00
C LYS A 156 -9.45 11.14 -26.01
N GLY A 157 -8.94 9.91 -26.06
CA GLY A 157 -9.80 8.76 -26.29
C GLY A 157 -10.50 8.22 -25.05
N LEU A 158 -10.15 8.73 -23.87
CA LEU A 158 -10.72 8.28 -22.61
C LEU A 158 -11.83 9.18 -22.10
N GLN A 159 -12.15 10.25 -22.83
CA GLN A 159 -13.03 11.30 -22.32
C GLN A 159 -14.46 10.81 -22.21
N GLY A 160 -15.24 11.54 -21.42
CA GLY A 160 -16.62 11.18 -21.16
C GLY A 160 -16.81 10.13 -20.09
N THR A 161 -15.77 9.86 -19.29
CA THR A 161 -15.81 8.83 -18.27
C THR A 161 -15.99 9.39 -16.87
N ASN A 162 -15.18 10.40 -16.50
CA ASN A 162 -15.21 10.95 -15.15
C ASN A 162 -14.90 12.44 -15.24
N ARG A 163 -15.85 13.27 -14.79
CA ARG A 163 -15.69 14.72 -14.91
C ARG A 163 -14.48 15.21 -14.13
N GLN A 164 -14.29 14.72 -12.90
CA GLN A 164 -13.24 15.25 -12.04
C GLN A 164 -11.86 14.93 -12.59
N LEU A 165 -11.63 13.68 -13.01
CA LEU A 165 -10.32 13.32 -13.56
C LEU A 165 -10.04 14.06 -14.84
N GLU A 166 -11.05 14.20 -15.71
CA GLU A 166 -10.83 14.83 -17.00
C GLU A 166 -10.65 16.35 -16.85
N GLU A 167 -11.36 16.95 -15.89
CA GLU A 167 -11.13 18.37 -15.61
C GLU A 167 -9.72 18.60 -15.09
N ALA A 168 -9.25 17.72 -14.21
CA ALA A 168 -7.89 17.86 -13.67
C ALA A 168 -6.85 17.71 -14.77
N LEU A 169 -7.00 16.69 -15.60
CA LEU A 169 -6.05 16.48 -16.70
C LEU A 169 -6.07 17.64 -17.68
N LYS A 170 -7.26 18.17 -17.98
CA LYS A 170 -7.35 19.27 -18.93
C LYS A 170 -6.60 20.49 -18.42
N HIS A 171 -6.63 20.74 -17.11
CA HIS A 171 -5.91 21.87 -16.55
C HIS A 171 -4.40 21.67 -16.67
N LEU A 172 -3.91 20.48 -16.32
CA LEU A 172 -2.48 20.21 -16.42
C LEU A 172 -1.99 20.29 -17.87
N PHE A 173 -2.81 19.81 -18.81
CA PHE A 173 -2.41 19.92 -20.22
C PHE A 173 -2.40 21.38 -20.66
N LYS A 174 -3.39 22.16 -20.20
CA LYS A 174 -3.47 23.57 -20.60
C LYS A 174 -2.24 24.35 -20.15
N GLN A 175 -1.72 24.02 -18.96
CA GLN A 175 -0.52 24.69 -18.47
C GLN A 175 0.70 24.43 -19.35
N ARG A 176 0.68 23.36 -20.15
CA ARG A 176 1.78 23.05 -21.05
C ARG A 176 1.38 23.24 -22.51
N GLY A 177 0.41 24.13 -22.75
CA GLY A 177 0.01 24.47 -24.10
C GLY A 177 -0.70 23.38 -24.86
N LEU A 178 -1.34 22.44 -24.18
CA LEU A 178 -1.96 21.29 -24.82
C LEU A 178 -3.46 21.30 -24.57
N THR A 179 -4.22 21.01 -25.63
CA THR A 179 -5.67 20.95 -25.57
C THR A 179 -6.11 19.52 -25.90
N ILE A 180 -6.88 18.92 -25.01
CA ILE A 180 -7.35 17.55 -25.22
C ILE A 180 -7.83 16.90 -23.93
N MET B 2 -16.65 10.40 5.93
CA MET B 2 -15.30 10.29 5.38
C MET B 2 -15.29 9.41 4.14
N GLY B 3 -16.48 9.13 3.61
CA GLY B 3 -16.60 8.31 2.42
C GLY B 3 -16.73 6.84 2.76
N SER B 4 -16.46 6.02 1.74
CA SER B 4 -16.55 4.58 1.87
C SER B 4 -15.36 4.03 2.68
N GLU B 5 -15.49 2.77 3.10
CA GLU B 5 -14.40 2.12 3.80
C GLU B 5 -13.18 1.96 2.91
N ALA B 6 -13.39 1.72 1.62
CA ALA B 6 -12.28 1.64 0.68
C ALA B 6 -11.55 2.97 0.57
N ALA B 7 -12.31 4.08 0.53
CA ALA B 7 -11.67 5.39 0.50
C ALA B 7 -10.84 5.63 1.75
N GLN B 8 -11.38 5.27 2.93
CA GLN B 8 -10.66 5.50 4.17
C GLN B 8 -9.40 4.65 4.26
N LEU B 9 -9.45 3.42 3.74
CA LEU B 9 -8.25 2.57 3.74
C LEU B 9 -7.18 3.12 2.80
N LEU B 10 -7.59 3.55 1.61
CA LEU B 10 -6.61 4.13 0.69
C LEU B 10 -6.06 5.45 1.19
N GLU B 11 -6.85 6.23 1.93
CA GLU B 11 -6.31 7.43 2.57
C GLU B 11 -5.18 7.08 3.52
N ALA B 12 -5.38 6.04 4.34
CA ALA B 12 -4.37 5.66 5.31
C ALA B 12 -3.18 4.99 4.65
N ALA B 13 -3.42 4.14 3.65
CA ALA B 13 -2.32 3.48 2.96
C ALA B 13 -1.46 4.50 2.22
N ASP B 14 -2.10 5.45 1.52
CA ASP B 14 -1.34 6.48 0.83
C ASP B 14 -0.58 7.36 1.82
N PHE B 15 -1.24 7.74 2.92
CA PHE B 15 -0.58 8.51 3.97
C PHE B 15 0.66 7.78 4.48
N ALA B 16 0.50 6.50 4.83
CA ALA B 16 1.62 5.72 5.35
C ALA B 16 2.71 5.53 4.30
N ALA B 17 2.33 5.29 3.04
CA ALA B 17 3.32 5.10 2.00
C ALA B 17 4.17 6.35 1.81
N ARG B 18 3.56 7.53 1.85
CA ARG B 18 4.33 8.75 1.66
C ARG B 18 5.21 9.04 2.86
N LYS B 19 4.74 8.74 4.08
CA LYS B 19 5.55 8.99 5.27
C LYS B 19 6.75 8.05 5.34
N HIS B 20 6.57 6.76 5.02
CA HIS B 20 7.66 5.79 5.02
C HIS B 20 8.42 5.71 3.70
N ARG B 21 8.30 6.71 2.85
CA ARG B 21 8.81 6.58 1.48
C ARG B 21 10.31 6.35 1.42
N GLN B 22 11.07 6.89 2.38
CA GLN B 22 12.52 6.76 2.36
C GLN B 22 13.04 5.68 3.31
N GLN B 23 12.16 4.85 3.84
CA GLN B 23 12.50 3.88 4.86
C GLN B 23 12.40 2.46 4.30
N ARG B 24 13.32 1.60 4.74
CA ARG B 24 13.39 0.22 4.28
C ARG B 24 13.45 -0.71 5.49
N ARG B 25 13.05 -1.96 5.27
CA ARG B 25 13.17 -2.99 6.29
C ARG B 25 14.64 -3.43 6.41
N LYS B 26 14.91 -4.22 7.45
CA LYS B 26 16.26 -4.67 7.76
C LYS B 26 16.63 -5.98 7.06
N ASP B 27 15.78 -6.49 6.18
CA ASP B 27 16.16 -7.67 5.43
C ASP B 27 17.25 -7.29 4.41
N PRO B 28 18.06 -8.27 4.00
CA PRO B 28 19.11 -7.98 3.02
C PRO B 28 18.62 -7.29 1.75
N GLU B 29 17.40 -7.58 1.30
CA GLU B 29 16.89 -6.93 0.09
C GLU B 29 16.46 -5.49 0.33
N GLY B 30 16.35 -5.07 1.59
CA GLY B 30 15.93 -3.73 1.90
C GLY B 30 14.52 -3.43 1.41
N THR B 31 13.58 -4.29 1.76
CA THR B 31 12.20 -4.14 1.31
C THR B 31 11.66 -2.79 1.75
N PRO B 32 10.91 -2.10 0.89
CA PRO B 32 10.26 -0.85 1.29
C PRO B 32 9.50 -1.06 2.59
N TYR B 33 9.63 -0.10 3.52
CA TYR B 33 9.04 -0.28 4.84
C TYR B 33 7.53 -0.35 4.77
N ILE B 34 6.93 0.31 3.78
CA ILE B 34 5.47 0.36 3.67
C ILE B 34 4.86 -1.04 3.57
N ASN B 35 5.63 -2.01 3.07
CA ASN B 35 5.12 -3.38 3.00
C ASN B 35 4.76 -3.91 4.38
N HIS B 36 5.44 -3.42 5.42
CA HIS B 36 5.17 -3.94 6.77
C HIS B 36 3.81 -3.50 7.28
N PRO B 37 3.47 -2.21 7.34
CA PRO B 37 2.11 -1.85 7.81
C PRO B 37 1.00 -2.40 6.92
N ILE B 38 1.21 -2.47 5.61
CA ILE B 38 0.22 -3.07 4.73
C ILE B 38 0.03 -4.54 5.09
N GLY B 39 1.13 -5.26 5.30
CA GLY B 39 1.03 -6.66 5.68
C GLY B 39 0.41 -6.86 7.04
N VAL B 40 0.67 -5.95 7.98
CA VAL B 40 0.03 -6.02 9.30
C VAL B 40 -1.47 -5.83 9.17
N ALA B 41 -1.89 -4.83 8.39
CA ALA B 41 -3.32 -4.63 8.17
C ALA B 41 -3.94 -5.82 7.45
N ARG B 42 -3.21 -6.41 6.51
CA ARG B 42 -3.75 -7.56 5.78
C ARG B 42 -3.85 -8.79 6.66
N ILE B 43 -2.94 -8.96 7.62
CA ILE B 43 -3.11 -10.02 8.62
C ILE B 43 -4.45 -9.85 9.33
N LEU B 44 -4.80 -8.60 9.65
CA LEU B 44 -6.01 -8.35 10.42
C LEU B 44 -7.25 -8.73 9.63
N THR B 45 -7.31 -8.38 8.35
CA THR B 45 -8.49 -8.72 7.54
C THR B 45 -8.47 -10.17 7.08
N HIS B 46 -7.31 -10.65 6.64
CA HIS B 46 -7.27 -11.96 5.98
C HIS B 46 -7.24 -13.12 6.96
N GLU B 47 -6.58 -12.94 8.11
CA GLU B 47 -6.44 -14.03 9.07
C GLU B 47 -7.22 -13.83 10.36
N ALA B 48 -7.37 -12.60 10.83
CA ALA B 48 -8.02 -12.33 12.10
C ALA B 48 -9.50 -12.02 11.97
N GLY B 49 -10.00 -11.82 10.75
CA GLY B 49 -11.41 -11.52 10.56
C GLY B 49 -11.82 -10.13 10.96
N ILE B 50 -10.88 -9.19 11.01
CA ILE B 50 -11.18 -7.84 11.48
C ILE B 50 -11.76 -7.03 10.32
N THR B 51 -12.84 -6.30 10.58
CA THR B 51 -13.42 -5.38 9.61
C THR B 51 -13.56 -3.97 10.16
N ASP B 52 -13.19 -3.73 11.42
CA ASP B 52 -13.30 -2.42 12.03
C ASP B 52 -12.36 -1.46 11.32
N ILE B 53 -12.94 -0.47 10.61
CA ILE B 53 -12.15 0.45 9.81
C ILE B 53 -11.15 1.22 10.67
N VAL B 54 -11.52 1.52 11.92
CA VAL B 54 -10.60 2.28 12.77
C VAL B 54 -9.35 1.46 13.08
N VAL B 55 -9.54 0.17 13.36
CA VAL B 55 -8.39 -0.69 13.64
C VAL B 55 -7.52 -0.87 12.41
N LEU B 56 -8.15 -1.04 11.24
CA LEU B 56 -7.38 -1.27 10.01
C LEU B 56 -6.58 -0.04 9.63
N GLN B 57 -7.15 1.16 9.79
CA GLN B 57 -6.39 2.38 9.54
C GLN B 57 -5.22 2.50 10.52
N ALA B 58 -5.46 2.19 11.79
CA ALA B 58 -4.40 2.27 12.78
C ALA B 58 -3.27 1.29 12.48
N ALA B 59 -3.62 0.11 11.96
CA ALA B 59 -2.58 -0.84 11.56
C ALA B 59 -1.74 -0.28 10.42
N LEU B 60 -2.38 0.33 9.42
CA LEU B 60 -1.62 0.95 8.34
C LEU B 60 -0.76 2.10 8.84
N LEU B 61 -1.19 2.77 9.90
CA LEU B 61 -0.52 3.97 10.39
C LEU B 61 0.30 3.72 11.65
N HIS B 62 0.43 2.46 12.09
CA HIS B 62 0.90 2.22 13.46
C HIS B 62 2.35 2.61 13.68
N ASP B 63 3.13 2.79 12.62
CA ASP B 63 4.53 3.14 12.75
C ASP B 63 4.84 4.57 12.29
N THR B 64 3.81 5.35 11.94
CA THR B 64 4.04 6.67 11.37
C THR B 64 4.55 7.66 12.42
N VAL B 65 3.84 7.78 13.55
CA VAL B 65 4.29 8.68 14.59
C VAL B 65 5.61 8.19 15.20
N GLU B 66 5.77 6.87 15.30
CA GLU B 66 6.95 6.33 15.96
C GLU B 66 8.21 6.53 15.11
N LYS B 67 8.12 6.39 13.78
CA LYS B 67 9.30 6.34 12.94
C LYS B 67 9.43 7.45 11.91
N THR B 68 8.38 8.24 11.66
CA THR B 68 8.42 9.23 10.58
C THR B 68 8.03 10.61 11.11
N ASP B 69 8.08 11.60 10.22
CA ASP B 69 7.72 12.98 10.53
C ASP B 69 6.20 13.13 10.48
N THR B 70 5.55 12.54 11.48
CA THR B 70 4.09 12.56 11.61
C THR B 70 3.74 13.00 13.02
N THR B 71 2.87 13.99 13.15
CA THR B 71 2.39 14.43 14.44
C THR B 71 1.03 13.82 14.75
N LEU B 72 0.66 13.86 16.04
CA LEU B 72 -0.65 13.36 16.45
C LEU B 72 -1.76 14.16 15.80
N ASP B 73 -1.59 15.48 15.69
CA ASP B 73 -2.60 16.32 15.06
C ASP B 73 -2.75 15.99 13.58
N GLU B 74 -1.64 15.63 12.91
CA GLU B 74 -1.72 15.25 11.51
C GLU B 74 -2.56 13.98 11.34
N VAL B 75 -2.38 13.01 12.24
CA VAL B 75 -3.18 11.79 12.18
C VAL B 75 -4.65 12.12 12.41
N GLU B 76 -4.95 12.92 13.44
CA GLU B 76 -6.34 13.22 13.74
C GLU B 76 -6.97 14.06 12.63
N LEU B 77 -6.21 14.97 12.04
CA LEU B 77 -6.73 15.79 10.93
C LEU B 77 -7.25 14.92 9.80
N HIS B 78 -6.48 13.89 9.42
CA HIS B 78 -6.84 13.06 8.29
C HIS B 78 -7.77 11.92 8.65
N PHE B 79 -7.74 11.45 9.89
CA PHE B 79 -8.38 10.18 10.23
C PHE B 79 -9.29 10.22 11.45
N GLY B 80 -9.33 11.33 12.19
CA GLY B 80 -10.25 11.45 13.30
C GLY B 80 -9.64 11.06 14.63
N ALA B 81 -10.38 11.37 15.70
CA ALA B 81 -9.86 11.20 17.05
C ALA B 81 -9.70 9.74 17.42
N GLN B 82 -10.62 8.87 16.96
CA GLN B 82 -10.53 7.46 17.32
C GLN B 82 -9.30 6.81 16.73
N VAL B 83 -9.02 7.08 15.45
CA VAL B 83 -7.79 6.54 14.84
C VAL B 83 -6.57 7.13 15.53
N ARG B 84 -6.57 8.43 15.78
CA ARG B 84 -5.44 9.06 16.45
C ARG B 84 -5.21 8.44 17.82
N ARG B 85 -6.28 8.20 18.58
CA ARG B 85 -6.13 7.62 19.91
C ARG B 85 -5.55 6.21 19.83
N LEU B 86 -5.95 5.43 18.83
CA LEU B 86 -5.40 4.09 18.67
C LEU B 86 -3.93 4.15 18.30
N VAL B 87 -3.57 5.02 17.35
CA VAL B 87 -2.17 5.18 16.95
C VAL B 87 -1.33 5.58 18.15
N GLU B 88 -1.86 6.48 19.00
CA GLU B 88 -1.18 6.83 20.25
C GLU B 88 -0.88 5.58 21.07
N GLU B 89 -1.86 4.69 21.21
CA GLU B 89 -1.71 3.51 22.04
C GLU B 89 -0.56 2.62 21.58
N VAL B 90 -0.36 2.51 20.28
CA VAL B 90 0.60 1.57 19.72
C VAL B 90 1.94 2.25 19.38
N THR B 91 2.10 3.52 19.77
CA THR B 91 3.32 4.24 19.45
C THR B 91 4.34 4.08 20.57
N ASP B 92 5.47 3.45 20.24
CA ASP B 92 6.57 3.27 21.17
C ASP B 92 7.34 4.58 21.35
N ASP B 93 7.90 4.76 22.54
CA ASP B 93 8.82 5.87 22.79
C ASP B 93 10.18 5.50 22.22
N LYS B 94 10.57 6.14 21.12
CA LYS B 94 11.83 5.83 20.47
C LYS B 94 13.04 6.47 21.16
N THR B 95 12.83 7.42 22.07
CA THR B 95 13.94 8.06 22.76
C THR B 95 14.56 7.16 23.84
N LEU B 96 13.89 6.08 24.20
CA LEU B 96 14.40 5.15 25.20
C LEU B 96 15.45 4.24 24.58
N PRO B 97 16.42 3.78 25.38
CA PRO B 97 17.32 2.73 24.88
C PRO B 97 16.54 1.46 24.55
N LYS B 98 17.10 0.66 23.65
CA LYS B 98 16.34 -0.44 23.06
C LYS B 98 15.83 -1.41 24.13
N LEU B 99 16.69 -1.75 25.10
CA LEU B 99 16.25 -2.64 26.18
C LEU B 99 15.05 -2.06 26.90
N GLU B 100 15.06 -0.74 27.16
CA GLU B 100 13.95 -0.09 27.84
C GLU B 100 12.70 -0.06 26.96
N ARG B 101 12.88 0.16 25.65
CA ARG B 101 11.77 0.08 24.70
C ARG B 101 11.06 -1.26 24.81
N LYS B 102 11.83 -2.35 24.84
CA LYS B 102 11.25 -3.69 24.88
C LYS B 102 10.60 -3.95 26.24
N ARG B 103 11.23 -3.48 27.31
CA ARG B 103 10.64 -3.53 28.64
C ARG B 103 9.26 -2.87 28.65
N LEU B 104 9.15 -1.69 28.03
CA LEU B 104 7.91 -0.92 28.07
C LEU B 104 6.78 -1.64 27.34
N GLN B 105 7.09 -2.29 26.21
CA GLN B 105 6.05 -3.03 25.49
C GLN B 105 5.46 -4.13 26.35
N VAL B 106 6.29 -4.84 27.12
CA VAL B 106 5.77 -5.85 28.04
C VAL B 106 4.91 -5.20 29.11
N GLU B 107 5.37 -4.08 29.66
CA GLU B 107 4.62 -3.40 30.72
C GLU B 107 3.26 -2.94 30.23
N GLN B 108 3.20 -2.37 29.02
CA GLN B 108 1.99 -1.73 28.51
C GLN B 108 1.02 -2.70 27.85
N ALA B 109 1.41 -3.95 27.64
CA ALA B 109 0.57 -4.89 26.91
C ALA B 109 -0.80 -5.11 27.55
N PRO B 110 -0.93 -5.49 28.82
CA PRO B 110 -2.24 -5.95 29.31
C PRO B 110 -3.29 -4.86 29.42
N HIS B 111 -2.90 -3.59 29.45
CA HIS B 111 -3.87 -2.52 29.64
C HIS B 111 -4.13 -1.74 28.36
N SER B 112 -3.70 -2.24 27.22
CA SER B 112 -4.11 -1.66 25.95
C SER B 112 -5.57 -1.96 25.68
N SER B 113 -6.22 -1.06 24.95
CA SER B 113 -7.57 -1.30 24.47
C SER B 113 -7.59 -2.51 23.54
N PRO B 114 -8.76 -3.13 23.35
CA PRO B 114 -8.83 -4.28 22.43
C PRO B 114 -8.34 -3.97 21.02
N GLY B 115 -8.67 -2.79 20.49
CA GLY B 115 -8.16 -2.42 19.18
C GLY B 115 -6.65 -2.32 19.14
N ALA B 116 -6.06 -1.77 20.20
CA ALA B 116 -4.60 -1.69 20.27
C ALA B 116 -3.98 -3.08 20.40
N LYS B 117 -4.65 -3.99 21.10
CA LYS B 117 -4.13 -5.35 21.23
C LYS B 117 -4.15 -6.07 19.89
N LEU B 118 -5.17 -5.83 19.07
CA LEU B 118 -5.21 -6.44 17.74
C LEU B 118 -4.05 -5.96 16.88
N VAL B 119 -3.77 -4.65 16.90
CA VAL B 119 -2.67 -4.11 16.10
C VAL B 119 -1.34 -4.67 16.60
N LYS B 120 -1.15 -4.69 17.92
CA LYS B 120 0.11 -5.18 18.48
C LYS B 120 0.32 -6.66 18.19
N LEU B 121 -0.76 -7.44 18.19
CA LEU B 121 -0.65 -8.87 17.88
C LEU B 121 -0.24 -9.09 16.43
N ALA B 122 -0.87 -8.37 15.50
CA ALA B 122 -0.55 -8.53 14.09
C ALA B 122 0.85 -7.99 13.78
N ASP B 123 1.21 -6.88 14.42
CA ASP B 123 2.58 -6.35 14.32
C ASP B 123 3.61 -7.41 14.68
N LYS B 124 3.41 -8.07 15.83
CA LYS B 124 4.33 -9.11 16.27
C LYS B 124 4.33 -10.28 15.29
N LEU B 125 3.14 -10.72 14.86
CA LEU B 125 3.07 -11.87 13.96
C LEU B 125 3.81 -11.61 12.66
N TYR B 126 3.64 -10.41 12.09
CA TYR B 126 4.35 -10.09 10.86
C TYR B 126 5.86 -10.15 11.06
N ASN B 127 6.34 -9.54 12.16
CA ASN B 127 7.77 -9.43 12.38
C ASN B 127 8.40 -10.79 12.66
N LEU B 128 7.74 -11.62 13.47
CA LEU B 128 8.27 -12.96 13.73
C LEU B 128 8.30 -13.79 12.44
N ARG B 129 7.25 -13.68 11.62
CA ARG B 129 7.26 -14.38 10.34
C ARG B 129 8.39 -13.88 9.45
N ASP B 130 8.65 -12.57 9.47
CA ASP B 130 9.77 -12.03 8.70
C ASP B 130 11.10 -12.56 9.19
N LEU B 131 11.26 -12.67 10.51
CA LEU B 131 12.50 -13.22 11.06
C LEU B 131 12.70 -14.67 10.65
N ASN B 132 11.62 -15.46 10.69
CA ASN B 132 11.72 -16.84 10.24
C ASN B 132 11.99 -16.94 8.75
N ARG B 133 11.46 -15.99 7.97
CA ARG B 133 11.70 -16.01 6.53
C ARG B 133 13.14 -15.67 6.19
N CYS B 134 13.72 -14.69 6.88
CA CYS B 134 15.04 -14.21 6.49
C CYS B 134 15.66 -13.47 7.67
N THR B 135 16.84 -13.90 8.10
CA THR B 135 17.52 -13.25 9.20
C THR B 135 17.91 -11.83 8.79
N PRO B 136 17.59 -10.81 9.60
CA PRO B 136 17.97 -9.45 9.24
C PRO B 136 19.49 -9.29 9.14
N GLU B 137 19.89 -8.34 8.30
CA GLU B 137 21.31 -8.10 8.06
C GLU B 137 22.03 -7.79 9.37
N GLY B 138 23.09 -8.54 9.65
CA GLY B 138 23.89 -8.35 10.84
C GLY B 138 23.37 -9.04 12.08
N TRP B 139 22.16 -9.60 12.05
CA TRP B 139 21.60 -10.28 13.21
C TRP B 139 22.20 -11.68 13.34
N SER B 140 22.58 -12.05 14.56
CA SER B 140 22.98 -13.41 14.85
C SER B 140 21.75 -14.26 15.17
N GLU B 141 21.94 -15.59 15.21
CA GLU B 141 20.85 -16.47 15.55
C GLU B 141 20.34 -16.22 16.96
N HIS B 142 21.25 -15.85 17.87
CA HIS B 142 20.82 -15.56 19.24
C HIS B 142 19.93 -14.33 19.29
N ARG B 143 20.23 -13.31 18.48
CA ARG B 143 19.39 -12.11 18.47
C ARG B 143 18.00 -12.42 17.93
N VAL B 144 17.91 -13.31 16.95
CA VAL B 144 16.60 -13.73 16.46
C VAL B 144 15.83 -14.44 17.58
N GLN B 145 16.48 -15.39 18.24
CA GLN B 145 15.83 -16.11 19.34
C GLN B 145 15.47 -15.16 20.49
N GLU B 146 16.33 -14.17 20.75
CA GLU B 146 16.03 -13.20 21.80
C GLU B 146 14.79 -12.39 21.45
N TYR B 147 14.62 -12.04 20.17
CA TYR B 147 13.42 -11.32 19.75
C TYR B 147 12.17 -12.15 19.97
N PHE B 148 12.23 -13.45 19.69
CA PHE B 148 11.09 -14.33 19.95
C PHE B 148 10.78 -14.41 21.44
N GLU B 149 11.83 -14.51 22.27
CA GLU B 149 11.62 -14.61 23.71
C GLU B 149 10.96 -13.36 24.26
N TRP B 150 11.39 -12.18 23.79
CA TRP B 150 10.76 -10.95 24.24
C TRP B 150 9.36 -10.80 23.66
N ALA B 151 9.17 -11.19 22.39
CA ALA B 151 7.85 -11.11 21.79
C ALA B 151 6.84 -11.96 22.55
N ALA B 152 7.27 -13.13 23.04
CA ALA B 152 6.39 -13.97 23.83
C ALA B 152 5.97 -13.30 25.13
N GLN B 153 6.86 -12.49 25.72
CA GLN B 153 6.49 -11.78 26.93
C GLN B 153 5.47 -10.68 26.65
N VAL B 154 5.58 -10.05 25.48
CA VAL B 154 4.59 -9.06 25.08
C VAL B 154 3.25 -9.73 24.78
N VAL B 155 3.28 -10.79 23.96
CA VAL B 155 2.05 -11.46 23.55
C VAL B 155 1.30 -12.04 24.74
N LYS B 156 2.03 -12.46 25.78
CA LYS B 156 1.37 -12.97 26.98
C LYS B 156 0.41 -11.95 27.57
N GLY B 157 0.75 -10.66 27.48
CA GLY B 157 -0.14 -9.63 27.96
C GLY B 157 -1.24 -9.24 27.00
N LEU B 158 -1.16 -9.69 25.76
CA LEU B 158 -2.13 -9.38 24.72
C LEU B 158 -3.19 -10.45 24.55
N GLN B 159 -3.08 -11.57 25.28
CA GLN B 159 -3.91 -12.72 25.05
C GLN B 159 -5.36 -12.45 25.43
N GLY B 160 -6.26 -13.29 24.92
CA GLY B 160 -7.68 -13.11 25.11
C GLY B 160 -8.32 -12.13 24.16
N THR B 161 -7.63 -11.74 23.09
CA THR B 161 -8.10 -10.74 22.15
C THR B 161 -8.58 -11.35 20.84
N ASN B 162 -7.76 -12.20 20.21
CA ASN B 162 -8.13 -12.78 18.92
C ASN B 162 -7.56 -14.18 18.84
N ARG B 163 -8.45 -15.18 18.73
CA ARG B 163 -8.03 -16.58 18.76
C ARG B 163 -7.10 -16.90 17.59
N GLN B 164 -7.44 -16.44 16.38
CA GLN B 164 -6.65 -16.78 15.20
C GLN B 164 -5.24 -16.24 15.31
N LEU B 165 -5.10 -14.97 15.69
CA LEU B 165 -3.76 -14.39 15.82
C LEU B 165 -2.96 -15.08 16.92
N GLU B 166 -3.61 -15.35 18.06
CA GLU B 166 -2.89 -15.92 19.18
C GLU B 166 -2.52 -17.38 18.95
N GLU B 167 -3.37 -18.12 18.24
CA GLU B 167 -3.03 -19.51 17.90
C GLU B 167 -1.84 -19.57 16.95
N ALA B 168 -1.77 -18.64 16.00
CA ALA B 168 -0.63 -18.60 15.09
C ALA B 168 0.65 -18.23 15.83
N LEU B 169 0.58 -17.22 16.69
CA LEU B 169 1.75 -16.83 17.47
C LEU B 169 2.18 -17.96 18.39
N LYS B 170 1.23 -18.66 19.01
CA LYS B 170 1.54 -19.79 19.86
C LYS B 170 2.33 -20.85 19.10
N HIS B 171 1.94 -21.13 17.85
CA HIS B 171 2.65 -22.12 17.05
C HIS B 171 4.09 -21.70 16.80
N LEU B 172 4.29 -20.44 16.39
CA LEU B 172 5.65 -19.96 16.10
C LEU B 172 6.52 -19.96 17.34
N PHE B 173 5.93 -19.61 18.49
CA PHE B 173 6.69 -19.66 19.74
C PHE B 173 7.05 -21.09 20.11
N LYS B 174 6.10 -22.03 19.98
CA LYS B 174 6.34 -23.41 20.38
C LYS B 174 7.46 -24.03 19.57
N GLN B 175 7.51 -23.74 18.27
CA GLN B 175 8.57 -24.25 17.41
C GLN B 175 9.95 -23.82 17.90
N ARG B 176 10.03 -22.70 18.61
CA ARG B 176 11.27 -22.20 19.18
C ARG B 176 11.34 -22.41 20.69
N GLY B 177 10.61 -23.41 21.19
CA GLY B 177 10.72 -23.79 22.58
C GLY B 177 10.11 -22.82 23.57
N LEU B 178 9.12 -22.03 23.15
CA LEU B 178 8.50 -21.03 24.01
C LEU B 178 7.01 -21.31 24.13
N THR B 179 6.51 -21.27 25.36
CA THR B 179 5.11 -21.55 25.65
C THR B 179 4.45 -20.30 26.20
N ILE B 180 3.39 -19.85 25.55
CA ILE B 180 2.60 -18.73 26.04
C ILE B 180 1.31 -19.23 26.67
ZN ZN C . 0.92 2.97 -13.52
S2 PPS D . 5.64 4.06 -21.22
OS1 PPS D . 4.86 5.33 -21.32
OS2 PPS D . 5.21 3.29 -20.00
OS3 PPS D . 5.41 3.23 -22.44
O6P PPS D . 7.20 4.42 -21.11
P2 PPS D . 7.78 5.77 -20.44
O4P PPS D . 7.13 7.02 -21.00
O5P PPS D . 9.28 5.82 -20.65
O5' PPS D . 7.49 5.65 -18.86
C5' PPS D . 6.22 5.93 -18.27
C4' PPS D . 6.22 5.14 -16.97
O4' PPS D . 7.22 5.63 -16.08
C1' PPS D . 6.76 5.35 -14.75
N9 PPS D . 7.44 6.26 -13.80
C4 PPS D . 7.26 7.58 -13.63
N3 PPS D . 6.43 8.45 -14.25
C2 PPS D . 6.55 9.68 -13.78
N1 PPS D . 7.34 10.20 -12.83
C6 PPS D . 8.19 9.37 -12.19
N6 PPS D . 9.03 9.80 -11.22
C5 PPS D . 8.21 7.94 -12.56
N7 PPS D . 8.90 6.86 -12.15
C8 PPS D . 8.40 5.87 -12.93
C2' PPS D . 5.24 5.49 -14.80
O2' PPS D . 4.62 4.60 -13.87
C3' PPS D . 4.89 5.13 -16.24
O3' PPS D . 4.41 3.80 -16.36
P1 PPS D . 2.87 3.38 -16.30
O1P PPS D . 2.04 4.30 -17.18
O2P PPS D . 2.74 1.96 -16.78
O3P PPS D . 2.41 3.47 -14.86
C1 EDO E . 16.52 2.17 -2.66
O1 EDO E . 15.76 1.24 -1.92
C2 EDO E . 17.97 2.10 -2.20
O2 EDO E . 18.45 0.76 -2.35
ZN ZN F . 5.23 -2.43 13.01
S2 PPS G . 14.21 -1.85 18.12
OS1 PPS G . 13.86 -1.23 19.44
OS2 PPS G . 13.16 -1.50 17.10
OS3 PPS G . 15.56 -1.36 17.66
O6P PPS G . 14.24 -3.44 18.36
P2 PPS G . 14.83 -4.45 17.25
O4P PPS G . 16.24 -4.05 16.88
O5P PPS G . 14.81 -5.87 17.77
O5' PPS G . 13.88 -4.27 15.96
C5' PPS G . 12.48 -4.53 15.97
C4' PPS G . 11.86 -3.68 14.87
O4' PPS G . 12.54 -3.89 13.63
C1' PPS G . 11.59 -3.80 12.57
N9 PPS G . 12.04 -4.60 11.41
C4 PPS G . 12.05 -5.94 11.27
N3 PPS G . 11.65 -6.93 12.12
C2 PPS G . 11.81 -8.14 11.61
N1 PPS G . 12.31 -8.54 10.42
C6 PPS G . 12.72 -7.60 9.55
N6 PPS G . 13.23 -7.91 8.33
C5 PPS G . 12.62 -6.16 9.93
N7 PPS G . 12.93 -5.00 9.33
C8 PPS G . 12.55 -4.08 10.27
C2' PPS G . 10.26 -4.24 13.15
O2' PPS G . 9.17 -3.54 12.53
C3' PPS G . 10.38 -3.92 14.63
O3' PPS G . 9.69 -2.69 14.93
P1 PPS G . 8.14 -2.60 15.32
O1P PPS G . 7.81 -3.74 16.26
O2P PPS G . 7.91 -1.28 16.03
O3P PPS G . 7.26 -2.66 14.09
C ACY H . 7.52 7.01 32.82
O ACY H . 7.43 8.26 33.00
OXT ACY H . 6.60 6.14 32.80
CH3 ACY H . 8.94 6.46 32.59
#